data_4MCC
#
_entry.id   4MCC
#
_cell.length_a   74.272
_cell.length_b   74.272
_cell.length_c   119.135
_cell.angle_alpha   90.000
_cell.angle_beta   90.000
_cell.angle_gamma   90.000
#
_symmetry.space_group_name_H-M   'P 41'
#
loop_
_entity.id
_entity.type
_entity.pdbx_description
1 polymer 'tRNA (guanine-N(1)-)-methyltransferase'
2 non-polymer N-[4-(aminomethyl)benzyl]-4-oxo-3,4-dihydrothieno[2,3-d]pyrimidine-5-carboxamide
3 water water
#
_entity_poly.entity_id   1
_entity_poly.type   'polypeptide(L)'
_entity_poly.pdbx_seq_one_letter_code
;MWIGVISLFPEMFKAITEFGVTGRAVKHNLLKVECWNPRDFTFDKHKTVDDRPYGGGPGMLMMVQPLRDAIHTAKAAAGE
GAKVIYLSPQGRKLDQGGVTELAQNQKLILVCGRYEGIDERLIQTEIDEEWSIGDYVLTGGELPAMTLIDAVARFIPGVL
GKQASAEEDSFADGLLDCPHYTRPEVLEGLTVPPVLMSGHHEEIRKWRLKQSLQRTWLRRPELLEGLALTDEQRKLLKEA
QAEHNS
;
_entity_poly.pdbx_strand_id   A,B
#
loop_
_chem_comp.id
_chem_comp.type
_chem_comp.name
_chem_comp.formula
21X non-polymer N-[4-(aminomethyl)benzyl]-4-oxo-3,4-dihydrothieno[2,3-d]pyrimidine-5-carboxamide 'C15 H14 N4 O2 S'
#
# COMPACT_ATOMS: atom_id res chain seq x y z
N MET A 1 -17.79 6.84 10.62
CA MET A 1 -17.66 5.81 9.58
C MET A 1 -17.37 4.46 10.22
N TRP A 2 -17.98 3.37 9.70
CA TRP A 2 -17.79 2.01 10.20
C TRP A 2 -17.11 1.20 9.11
N ILE A 3 -16.04 0.47 9.48
CA ILE A 3 -15.31 -0.37 8.54
C ILE A 3 -15.14 -1.78 9.10
N GLY A 4 -15.64 -2.76 8.39
CA GLY A 4 -15.47 -4.16 8.73
C GLY A 4 -14.31 -4.68 7.90
N VAL A 5 -13.51 -5.59 8.48
CA VAL A 5 -12.34 -6.12 7.80
C VAL A 5 -12.33 -7.65 7.88
N ILE A 6 -12.05 -8.32 6.76
CA ILE A 6 -11.85 -9.78 6.74
C ILE A 6 -10.36 -10.00 6.46
N SER A 7 -9.64 -10.63 7.41
CA SER A 7 -8.21 -10.85 7.29
C SER A 7 -7.72 -12.02 8.14
N LEU A 8 -6.73 -12.76 7.62
CA LEU A 8 -6.06 -13.85 8.35
C LEU A 8 -5.09 -13.26 9.39
N PHE A 9 -4.82 -11.95 9.29
CA PHE A 9 -3.92 -11.28 10.24
C PHE A 9 -4.59 -10.02 10.81
N PRO A 10 -5.71 -10.17 11.58
CA PRO A 10 -6.42 -8.98 12.07
C PRO A 10 -5.61 -8.06 12.98
N GLU A 11 -4.62 -8.60 13.68
CA GLU A 11 -3.73 -7.80 14.54
C GLU A 11 -2.90 -6.75 13.76
N MET A 12 -2.70 -6.94 12.44
CA MET A 12 -2.02 -5.94 11.60
C MET A 12 -2.76 -4.59 11.67
N PHE A 13 -4.09 -4.63 11.84
CA PHE A 13 -4.96 -3.44 11.85
C PHE A 13 -4.80 -2.53 13.07
N LYS A 14 -4.07 -2.99 14.09
CA LYS A 14 -3.72 -2.15 15.24
C LYS A 14 -2.85 -0.99 14.75
N ALA A 15 -2.12 -1.17 13.62
CA ALA A 15 -1.28 -0.08 13.05
C ALA A 15 -2.16 1.12 12.67
N ILE A 16 -3.43 0.85 12.32
CA ILE A 16 -4.43 1.85 11.98
C ILE A 16 -5.20 2.33 13.22
N THR A 17 -5.74 1.39 14.00
CA THR A 17 -6.61 1.72 15.12
C THR A 17 -5.97 2.34 16.35
N GLU A 18 -4.68 2.08 16.57
CA GLU A 18 -4.01 2.53 17.78
C GLU A 18 -3.08 3.74 17.59
N PHE A 19 -2.83 4.17 16.35
CA PHE A 19 -1.84 5.24 16.12
C PHE A 19 -2.27 6.36 15.17
N GLY A 20 -1.68 7.52 15.38
CA GLY A 20 -1.82 8.70 14.53
C GLY A 20 -3.22 9.23 14.35
N VAL A 21 -3.49 9.77 13.15
CA VAL A 21 -4.79 10.37 12.86
C VAL A 21 -5.95 9.39 12.90
N THR A 22 -5.77 8.18 12.33
CA THR A 22 -6.83 7.15 12.38
C THR A 22 -7.04 6.68 13.82
N GLY A 23 -5.94 6.57 14.58
CA GLY A 23 -5.98 6.17 15.99
C GLY A 23 -6.77 7.17 16.80
N ARG A 24 -6.57 8.48 16.52
CA ARG A 24 -7.28 9.58 17.17
C ARG A 24 -8.79 9.51 16.80
N ALA A 25 -9.10 9.22 15.52
CA ALA A 25 -10.47 9.09 15.04
C ALA A 25 -11.19 7.94 15.74
N VAL A 26 -10.49 6.81 15.98
CA VAL A 26 -11.01 5.65 16.70
C VAL A 26 -11.31 6.03 18.16
N LYS A 27 -10.34 6.67 18.86
CA LYS A 27 -10.50 7.12 20.25
C LYS A 27 -11.67 8.09 20.42
N HIS A 28 -11.93 8.95 19.42
CA HIS A 28 -13.03 9.93 19.46
C HIS A 28 -14.34 9.45 18.85
N ASN A 29 -14.48 8.12 18.63
CA ASN A 29 -15.68 7.48 18.09
C ASN A 29 -16.16 8.03 16.72
N LEU A 30 -15.22 8.54 15.92
CA LEU A 30 -15.48 9.08 14.58
C LEU A 30 -15.29 7.96 13.54
N LEU A 31 -14.47 6.96 13.89
CA LEU A 31 -14.16 5.80 13.04
C LEU A 31 -14.22 4.55 13.89
N LYS A 32 -14.83 3.48 13.35
CA LYS A 32 -14.85 2.19 14.03
C LYS A 32 -14.39 1.15 13.02
N VAL A 33 -13.42 0.32 13.43
CA VAL A 33 -12.86 -0.75 12.60
C VAL A 33 -13.04 -2.06 13.37
N GLU A 34 -13.78 -3.04 12.78
CA GLU A 34 -14.00 -4.36 13.37
C GLU A 34 -13.44 -5.43 12.42
N CYS A 35 -12.69 -6.41 12.95
CA CYS A 35 -12.01 -7.44 12.16
C CYS A 35 -12.52 -8.84 12.44
N TRP A 36 -12.62 -9.67 11.39
CA TRP A 36 -12.98 -11.08 11.55
C TRP A 36 -11.94 -11.86 10.76
N ASN A 37 -11.52 -12.99 11.33
CA ASN A 37 -10.49 -13.84 10.76
C ASN A 37 -11.10 -15.14 10.22
N PRO A 38 -10.94 -15.46 8.90
CA PRO A 38 -11.41 -16.75 8.38
C PRO A 38 -10.93 -17.98 9.17
N ARG A 39 -9.74 -17.91 9.81
CA ARG A 39 -9.23 -19.02 10.64
C ARG A 39 -10.20 -19.39 11.77
N ASP A 40 -10.95 -18.38 12.27
CA ASP A 40 -11.92 -18.59 13.35
C ASP A 40 -13.21 -19.23 12.87
N PHE A 41 -13.34 -19.47 11.55
CA PHE A 41 -14.54 -20.06 10.93
C PHE A 41 -14.23 -21.45 10.37
N THR A 42 -13.07 -22.00 10.73
CA THR A 42 -12.65 -23.35 10.28
C THR A 42 -13.22 -24.43 11.21
N PHE A 43 -13.48 -25.63 10.65
CA PHE A 43 -14.07 -26.73 11.40
C PHE A 43 -13.05 -27.82 11.79
N ASP A 44 -11.88 -27.83 11.11
CA ASP A 44 -10.88 -28.89 11.29
C ASP A 44 -9.82 -28.56 12.32
N LYS A 45 -9.14 -29.59 12.86
CA LYS A 45 -8.08 -29.44 13.86
C LYS A 45 -6.94 -28.53 13.37
N HIS A 46 -6.57 -28.61 12.09
CA HIS A 46 -5.49 -27.80 11.51
C HIS A 46 -5.89 -26.38 11.12
N LYS A 47 -7.19 -26.01 11.31
CA LYS A 47 -7.70 -24.65 11.00
C LYS A 47 -7.27 -24.23 9.59
N THR A 48 -7.57 -25.10 8.61
CA THR A 48 -7.15 -24.95 7.21
C THR A 48 -7.86 -23.79 6.53
N VAL A 49 -7.08 -22.80 6.04
CA VAL A 49 -7.63 -21.60 5.38
C VAL A 49 -7.35 -21.53 3.90
N ASP A 50 -6.58 -22.50 3.37
CA ASP A 50 -6.29 -22.54 1.94
C ASP A 50 -6.86 -23.77 1.26
N ASP A 51 -6.95 -23.74 -0.06
CA ASP A 51 -7.50 -24.85 -0.85
C ASP A 51 -6.86 -24.86 -2.23
N ARG A 52 -6.88 -26.03 -2.88
CA ARG A 52 -6.26 -26.24 -4.20
C ARG A 52 -7.08 -25.70 -5.34
N PRO A 53 -6.43 -25.10 -6.36
CA PRO A 53 -7.19 -24.61 -7.52
C PRO A 53 -7.62 -25.70 -8.48
N TYR A 54 -8.85 -25.60 -9.03
CA TYR A 54 -9.29 -26.53 -10.08
C TYR A 54 -8.45 -26.13 -11.33
N GLY A 55 -8.04 -27.09 -12.13
CA GLY A 55 -7.24 -26.78 -13.31
C GLY A 55 -5.75 -26.81 -13.03
N GLY A 56 -5.39 -27.02 -11.77
CA GLY A 56 -4.01 -27.10 -11.31
C GLY A 56 -3.26 -25.80 -11.41
N GLY A 57 -1.94 -25.95 -11.52
CA GLY A 57 -1.01 -24.84 -11.61
C GLY A 57 -0.44 -24.58 -10.25
N PRO A 58 0.62 -23.77 -10.11
CA PRO A 58 1.14 -23.52 -8.77
C PRO A 58 0.23 -22.54 -8.02
N GLY A 59 0.38 -22.50 -6.71
CA GLY A 59 -0.36 -21.60 -5.86
C GLY A 59 -1.66 -22.18 -5.35
N MET A 60 -2.05 -21.74 -4.17
CA MET A 60 -3.28 -22.14 -3.52
C MET A 60 -4.22 -20.94 -3.53
N LEU A 61 -5.50 -21.14 -3.19
CA LEU A 61 -6.46 -20.06 -3.07
C LEU A 61 -6.96 -20.07 -1.66
N MET A 62 -7.66 -19.01 -1.23
N MET A 62 -7.65 -18.98 -1.24
CA MET A 62 -8.25 -19.04 0.11
CA MET A 62 -8.31 -18.93 0.07
C MET A 62 -9.41 -20.02 0.04
C MET A 62 -9.42 -20.02 0.02
N MET A 63 -9.57 -20.84 1.09
CA MET A 63 -10.64 -21.84 1.16
C MET A 63 -11.97 -21.06 1.21
N VAL A 64 -12.97 -21.50 0.41
CA VAL A 64 -14.26 -20.80 0.28
C VAL A 64 -15.07 -20.72 1.57
N GLN A 65 -15.39 -21.89 2.20
CA GLN A 65 -16.24 -21.89 3.40
C GLN A 65 -15.79 -20.96 4.54
N PRO A 66 -14.54 -21.02 5.07
CA PRO A 66 -14.17 -20.10 6.17
C PRO A 66 -14.23 -18.63 5.76
N LEU A 67 -13.80 -18.32 4.51
CA LEU A 67 -13.81 -16.95 4.02
C LEU A 67 -15.25 -16.43 3.85
N ARG A 68 -16.11 -17.20 3.20
CA ARG A 68 -17.52 -16.84 2.96
C ARG A 68 -18.24 -16.61 4.31
N ASP A 69 -18.06 -17.53 5.28
CA ASP A 69 -18.72 -17.41 6.60
C ASP A 69 -18.25 -16.14 7.34
N ALA A 70 -16.95 -15.84 7.28
CA ALA A 70 -16.40 -14.63 7.92
C ALA A 70 -17.04 -13.37 7.27
N ILE A 71 -17.14 -13.34 5.93
CA ILE A 71 -17.76 -12.20 5.20
C ILE A 71 -19.21 -12.04 5.70
N HIS A 72 -19.94 -13.16 5.80
CA HIS A 72 -21.33 -13.13 6.27
C HIS A 72 -21.45 -12.53 7.68
N THR A 73 -20.53 -12.88 8.60
CA THR A 73 -20.54 -12.31 9.97
C THR A 73 -20.28 -10.77 9.92
N ALA A 74 -19.34 -10.32 9.07
CA ALA A 74 -19.09 -8.86 8.91
C ALA A 74 -20.33 -8.18 8.33
N LYS A 75 -21.00 -8.82 7.36
CA LYS A 75 -22.24 -8.26 6.77
C LYS A 75 -23.36 -8.14 7.80
N ALA A 76 -23.47 -9.11 8.72
CA ALA A 76 -24.50 -9.07 9.78
C ALA A 76 -24.18 -7.94 10.77
N ALA A 77 -22.87 -7.71 11.07
CA ALA A 77 -22.50 -6.61 11.97
C ALA A 77 -22.76 -5.25 11.30
N ALA A 78 -22.54 -5.14 9.98
CA ALA A 78 -22.68 -3.90 9.22
C ALA A 78 -24.12 -3.42 9.07
N GLY A 79 -25.02 -4.35 8.73
CA GLY A 79 -26.41 -4.01 8.48
C GLY A 79 -26.58 -3.49 7.07
N GLU A 80 -27.69 -2.81 6.79
CA GLU A 80 -28.05 -2.32 5.47
C GLU A 80 -27.08 -1.28 4.92
N GLY A 81 -26.80 -1.39 3.61
CA GLY A 81 -26.00 -0.41 2.87
C GLY A 81 -24.50 -0.51 2.89
N ALA A 82 -23.91 -1.61 3.44
CA ALA A 82 -22.44 -1.68 3.43
C ALA A 82 -21.96 -2.14 2.06
N LYS A 83 -20.92 -1.49 1.55
CA LYS A 83 -20.32 -1.82 0.28
C LYS A 83 -19.18 -2.79 0.58
N VAL A 84 -19.15 -3.94 -0.14
CA VAL A 84 -18.13 -4.96 0.08
C VAL A 84 -17.02 -4.82 -0.96
N ILE A 85 -15.81 -4.53 -0.49
CA ILE A 85 -14.66 -4.30 -1.35
C ILE A 85 -13.67 -5.44 -1.23
N TYR A 86 -13.27 -5.98 -2.37
CA TYR A 86 -12.21 -6.98 -2.40
C TYR A 86 -10.90 -6.27 -2.78
N LEU A 87 -9.88 -6.32 -1.91
CA LEU A 87 -8.60 -5.70 -2.23
C LEU A 87 -7.90 -6.66 -3.17
N SER A 88 -7.74 -6.25 -4.44
CA SER A 88 -7.24 -7.16 -5.47
C SER A 88 -6.24 -6.52 -6.41
N PRO A 89 -5.18 -7.24 -6.85
CA PRO A 89 -4.29 -6.69 -7.90
C PRO A 89 -5.03 -6.50 -9.25
N GLN A 90 -6.21 -7.13 -9.43
CA GLN A 90 -7.00 -7.02 -10.66
C GLN A 90 -8.08 -5.94 -10.53
N GLY A 91 -8.06 -5.21 -9.42
CA GLY A 91 -9.07 -4.18 -9.20
C GLY A 91 -8.73 -2.84 -9.80
N ARG A 92 -9.66 -1.90 -9.60
CA ARG A 92 -9.54 -0.51 -10.02
C ARG A 92 -8.33 0.10 -9.27
N LYS A 93 -7.39 0.72 -10.01
CA LYS A 93 -6.20 1.30 -9.38
C LYS A 93 -6.61 2.57 -8.63
N LEU A 94 -6.36 2.59 -7.32
CA LEU A 94 -6.69 3.72 -6.47
C LEU A 94 -5.96 5.00 -6.89
N ASP A 95 -6.69 6.12 -6.89
CA ASP A 95 -6.21 7.49 -7.06
C ASP A 95 -7.11 8.42 -6.22
N GLN A 96 -6.80 9.72 -6.10
CA GLN A 96 -7.61 10.63 -5.27
C GLN A 96 -9.09 10.76 -5.62
N GLY A 97 -9.42 10.65 -6.91
CA GLY A 97 -10.80 10.62 -7.37
C GLY A 97 -11.53 9.38 -6.84
N GLY A 98 -10.83 8.25 -6.86
CA GLY A 98 -11.33 6.98 -6.33
C GLY A 98 -11.57 7.03 -4.84
N VAL A 99 -10.62 7.64 -4.09
CA VAL A 99 -10.71 7.80 -2.63
C VAL A 99 -11.95 8.63 -2.31
N THR A 100 -12.15 9.76 -3.04
CA THR A 100 -13.32 10.65 -2.84
C THR A 100 -14.63 9.88 -2.99
N GLU A 101 -14.73 9.00 -4.00
CA GLU A 101 -15.91 8.18 -4.25
C GLU A 101 -16.11 7.20 -3.09
N LEU A 102 -15.04 6.44 -2.71
CA LEU A 102 -15.12 5.46 -1.62
C LEU A 102 -15.50 6.11 -0.30
N ALA A 103 -15.06 7.36 -0.08
CA ALA A 103 -15.32 8.10 1.15
C ALA A 103 -16.78 8.53 1.35
N GLN A 104 -17.62 8.39 0.31
CA GLN A 104 -19.06 8.72 0.40
C GLN A 104 -19.83 7.62 1.15
N ASN A 105 -19.20 6.45 1.36
CA ASN A 105 -19.83 5.32 2.05
C ASN A 105 -19.70 5.45 3.55
N GLN A 106 -20.83 5.36 4.28
CA GLN A 106 -20.77 5.40 5.73
C GLN A 106 -20.29 4.04 6.27
N LYS A 107 -20.49 2.95 5.48
CA LYS A 107 -20.12 1.59 5.87
C LYS A 107 -19.39 0.86 4.78
N LEU A 108 -18.21 0.29 5.09
CA LEU A 108 -17.45 -0.51 4.12
C LEU A 108 -17.08 -1.81 4.77
N ILE A 109 -16.90 -2.84 3.95
CA ILE A 109 -16.37 -4.14 4.37
C ILE A 109 -15.21 -4.38 3.42
N LEU A 110 -14.00 -4.55 4.00
CA LEU A 110 -12.79 -4.76 3.21
C LEU A 110 -12.31 -6.20 3.35
N VAL A 111 -12.29 -6.91 2.23
CA VAL A 111 -11.90 -8.32 2.20
C VAL A 111 -10.45 -8.42 1.73
N CYS A 112 -9.58 -9.00 2.59
CA CYS A 112 -8.15 -9.15 2.33
C CYS A 112 -7.82 -10.57 1.97
N GLY A 113 -7.27 -10.72 0.80
CA GLY A 113 -6.86 -12.02 0.30
C GLY A 113 -5.40 -12.31 0.59
N ARG A 114 -5.10 -13.60 0.71
CA ARG A 114 -3.78 -14.17 0.85
C ARG A 114 -3.65 -15.25 -0.25
N TYR A 115 -2.48 -15.92 -0.37
CA TYR A 115 -2.22 -16.93 -1.40
C TYR A 115 -2.41 -16.31 -2.81
N GLU A 116 -2.94 -17.08 -3.79
CA GLU A 116 -3.17 -16.56 -5.15
C GLU A 116 -4.48 -15.79 -5.31
N GLY A 117 -5.26 -15.70 -4.24
CA GLY A 117 -6.53 -14.97 -4.27
C GLY A 117 -7.74 -15.76 -3.85
N ILE A 118 -8.91 -15.38 -4.36
CA ILE A 118 -10.20 -15.97 -3.98
C ILE A 118 -10.95 -16.54 -5.19
N ASP A 119 -11.87 -17.49 -4.91
CA ASP A 119 -12.68 -18.12 -5.94
C ASP A 119 -13.47 -17.05 -6.71
N GLU A 120 -13.45 -17.10 -8.05
CA GLU A 120 -14.15 -16.14 -8.92
C GLU A 120 -15.65 -16.04 -8.59
N ARG A 121 -16.28 -17.16 -8.19
CA ARG A 121 -17.70 -17.14 -7.87
C ARG A 121 -18.00 -16.34 -6.60
N LEU A 122 -17.04 -16.27 -5.64
CA LEU A 122 -17.20 -15.45 -4.43
C LEU A 122 -17.20 -13.98 -4.78
N ILE A 123 -16.45 -13.59 -5.85
CA ILE A 123 -16.48 -12.23 -6.36
C ILE A 123 -17.92 -11.91 -6.86
N GLN A 124 -18.54 -12.83 -7.61
CA GLN A 124 -19.92 -12.61 -8.08
C GLN A 124 -20.96 -12.63 -6.92
N THR A 125 -20.83 -13.57 -5.99
CA THR A 125 -21.83 -13.71 -4.92
C THR A 125 -21.67 -12.74 -3.77
N GLU A 126 -20.44 -12.26 -3.49
CA GLU A 126 -20.24 -11.42 -2.28
C GLU A 126 -19.69 -10.00 -2.48
N ILE A 127 -18.90 -9.80 -3.51
CA ILE A 127 -18.15 -8.57 -3.71
C ILE A 127 -18.86 -7.52 -4.54
N ASP A 128 -18.87 -6.28 -4.05
CA ASP A 128 -19.45 -5.16 -4.79
C ASP A 128 -18.40 -4.57 -5.73
N GLU A 129 -17.16 -4.34 -5.24
CA GLU A 129 -16.08 -3.72 -6.03
C GLU A 129 -14.73 -4.30 -5.74
N GLU A 130 -13.83 -4.21 -6.73
CA GLU A 130 -12.44 -4.65 -6.60
C GLU A 130 -11.53 -3.45 -6.76
N TRP A 131 -10.55 -3.31 -5.84
CA TRP A 131 -9.62 -2.19 -5.87
C TRP A 131 -8.20 -2.61 -5.60
N SER A 132 -7.26 -2.01 -6.35
CA SER A 132 -5.80 -2.16 -6.21
C SER A 132 -5.24 -0.84 -5.71
N ILE A 133 -4.07 -0.86 -5.02
CA ILE A 133 -3.43 0.39 -4.57
C ILE A 133 -2.26 0.80 -5.49
N GLY A 134 -1.97 -0.01 -6.50
CA GLY A 134 -0.89 0.28 -7.44
C GLY A 134 -0.39 -0.95 -8.20
N ASP A 135 0.44 -0.71 -9.23
CA ASP A 135 0.97 -1.76 -10.09
C ASP A 135 2.26 -2.35 -9.55
N TYR A 136 2.16 -2.98 -8.37
CA TYR A 136 3.24 -3.65 -7.69
C TYR A 136 2.69 -4.83 -6.94
N VAL A 137 3.53 -5.85 -6.71
CA VAL A 137 3.11 -7.09 -6.09
C VAL A 137 3.40 -7.11 -4.59
N LEU A 138 2.34 -7.37 -3.80
CA LEU A 138 2.43 -7.49 -2.34
C LEU A 138 2.09 -8.91 -1.92
N THR A 139 2.32 -9.25 -0.64
CA THR A 139 2.07 -10.60 -0.11
C THR A 139 0.60 -10.82 0.28
N GLY A 140 -0.18 -9.76 0.33
CA GLY A 140 -1.59 -9.86 0.70
C GLY A 140 -2.34 -8.55 0.60
N GLY A 141 -3.64 -8.61 0.87
CA GLY A 141 -4.54 -7.46 0.79
C GLY A 141 -4.55 -6.54 2.00
N GLU A 142 -3.89 -6.93 3.12
CA GLU A 142 -3.89 -6.14 4.37
C GLU A 142 -3.31 -4.73 4.25
N LEU A 143 -2.08 -4.57 3.68
CA LEU A 143 -1.50 -3.22 3.53
C LEU A 143 -2.35 -2.35 2.60
N PRO A 144 -2.85 -2.89 1.46
CA PRO A 144 -3.81 -2.13 0.65
C PRO A 144 -5.07 -1.70 1.42
N ALA A 145 -5.67 -2.59 2.26
CA ALA A 145 -6.89 -2.28 3.04
C ALA A 145 -6.59 -1.14 4.02
N MET A 146 -5.45 -1.22 4.74
CA MET A 146 -5.04 -0.18 5.69
C MET A 146 -4.81 1.17 5.00
N THR A 147 -4.21 1.13 3.80
CA THR A 147 -3.94 2.31 2.97
C THR A 147 -5.29 2.96 2.61
N LEU A 148 -6.27 2.15 2.19
CA LEU A 148 -7.62 2.61 1.86
C LEU A 148 -8.29 3.24 3.09
N ILE A 149 -8.17 2.61 4.29
CA ILE A 149 -8.80 3.16 5.50
C ILE A 149 -8.22 4.56 5.80
N ASP A 150 -6.89 4.66 5.81
CA ASP A 150 -6.20 5.92 6.09
C ASP A 150 -6.64 7.02 5.10
N ALA A 151 -6.69 6.71 3.79
CA ALA A 151 -7.11 7.66 2.75
C ALA A 151 -8.54 8.17 2.95
N VAL A 152 -9.50 7.26 3.19
CA VAL A 152 -10.92 7.63 3.38
C VAL A 152 -11.18 8.31 4.73
N ALA A 153 -10.43 7.93 5.79
CA ALA A 153 -10.59 8.51 7.14
C ALA A 153 -10.41 10.03 7.14
N ARG A 154 -9.60 10.54 6.21
CA ARG A 154 -9.33 11.98 6.04
C ARG A 154 -10.61 12.77 5.70
N PHE A 155 -11.62 12.09 5.12
CA PHE A 155 -12.91 12.66 4.73
C PHE A 155 -13.95 12.68 5.84
N ILE A 156 -13.67 12.02 6.99
CA ILE A 156 -14.64 11.99 8.09
C ILE A 156 -14.62 13.36 8.79
N PRO A 157 -15.77 14.05 8.96
CA PRO A 157 -15.74 15.35 9.66
C PRO A 157 -15.27 15.20 11.11
N GLY A 158 -14.28 16.01 11.49
CA GLY A 158 -13.70 16.01 12.83
C GLY A 158 -12.36 15.30 12.94
N VAL A 159 -11.97 14.57 11.88
CA VAL A 159 -10.71 13.81 11.85
C VAL A 159 -9.50 14.70 11.59
N LEU A 160 -9.59 15.62 10.61
CA LEU A 160 -8.49 16.54 10.30
C LEU A 160 -8.69 17.88 11.01
N GLY A 174 -2.24 22.15 -8.72
CA GLY A 174 -1.86 20.89 -9.35
C GLY A 174 -0.39 20.80 -9.74
N LEU A 175 0.48 21.51 -9.00
CA LEU A 175 1.93 21.58 -9.23
C LEU A 175 2.74 20.91 -8.12
N LEU A 176 4.02 20.58 -8.42
CA LEU A 176 4.97 20.05 -7.43
C LEU A 176 5.31 21.21 -6.48
N ASP A 177 5.35 20.92 -5.17
CA ASP A 177 5.61 21.88 -4.11
C ASP A 177 6.88 22.66 -4.28
N CYS A 178 6.87 23.90 -3.78
CA CYS A 178 8.08 24.71 -3.74
C CYS A 178 8.88 24.17 -2.55
N PRO A 179 10.22 24.26 -2.56
CA PRO A 179 11.00 23.77 -1.40
C PRO A 179 10.59 24.54 -0.14
N HIS A 180 10.69 23.89 1.02
CA HIS A 180 10.37 24.50 2.30
C HIS A 180 11.55 24.41 3.24
N TYR A 181 11.66 25.39 4.15
CA TYR A 181 12.79 25.47 5.07
C TYR A 181 12.31 25.80 6.47
N THR A 182 12.98 25.22 7.48
CA THR A 182 12.72 25.55 8.88
C THR A 182 14.09 25.79 9.54
N ARG A 183 14.13 26.05 10.87
CA ARG A 183 15.39 26.27 11.57
C ARG A 183 16.31 25.04 11.41
N PRO A 184 17.65 25.19 11.35
CA PRO A 184 18.44 26.41 11.55
C PRO A 184 18.65 27.21 10.27
N GLU A 185 19.21 28.42 10.40
CA GLU A 185 19.51 29.31 9.27
C GLU A 185 20.53 28.64 8.36
N VAL A 186 21.50 27.91 8.94
CA VAL A 186 22.54 27.22 8.19
C VAL A 186 22.58 25.76 8.64
N LEU A 187 22.34 24.85 7.70
CA LEU A 187 22.34 23.42 7.98
C LEU A 187 23.37 22.76 7.05
N GLU A 188 24.44 22.16 7.64
CA GLU A 188 25.54 21.57 6.89
C GLU A 188 26.12 22.57 5.86
N GLY A 189 26.25 23.82 6.26
CA GLY A 189 26.79 24.86 5.40
C GLY A 189 25.81 25.39 4.36
N LEU A 190 24.56 24.87 4.33
CA LEU A 190 23.52 25.30 3.37
C LEU A 190 22.61 26.34 4.01
N THR A 191 22.51 27.52 3.37
CA THR A 191 21.69 28.61 3.93
C THR A 191 20.28 28.62 3.32
N VAL A 192 19.34 29.24 4.04
CA VAL A 192 17.94 29.40 3.61
C VAL A 192 17.93 30.51 2.55
N PRO A 193 17.20 30.37 1.41
CA PRO A 193 17.13 31.46 0.44
C PRO A 193 16.77 32.78 1.13
N PRO A 194 17.58 33.87 0.95
CA PRO A 194 17.31 35.15 1.63
C PRO A 194 15.89 35.72 1.51
N VAL A 195 15.19 35.45 0.38
CA VAL A 195 13.79 35.88 0.15
C VAL A 195 12.89 35.51 1.33
N LEU A 196 13.07 34.30 1.86
CA LEU A 196 12.26 33.72 2.94
C LEU A 196 12.37 34.37 4.33
N MET A 197 12.92 35.60 4.40
CA MET A 197 13.04 36.39 5.64
C MET A 197 12.73 37.88 5.37
N SER A 198 11.53 38.20 4.78
CA SER A 198 11.11 39.59 4.46
C SER A 198 9.66 39.81 3.91
N GLY A 199 9.56 40.28 2.65
CA GLY A 199 8.32 40.65 1.97
C GLY A 199 7.40 39.53 1.56
N HIS A 200 6.13 39.63 1.99
CA HIS A 200 5.03 38.69 1.72
C HIS A 200 4.77 38.48 0.24
N HIS A 201 4.64 39.57 -0.54
CA HIS A 201 4.41 39.49 -1.99
C HIS A 201 5.67 39.04 -2.71
N GLU A 202 6.86 39.49 -2.23
CA GLU A 202 8.17 39.13 -2.77
C GLU A 202 8.39 37.61 -2.73
N GLU A 203 7.77 36.93 -1.74
CA GLU A 203 7.79 35.47 -1.59
C GLU A 203 7.05 34.72 -2.72
N ILE A 204 6.63 35.45 -3.81
CA ILE A 204 6.03 34.88 -5.04
C ILE A 204 7.12 34.11 -5.80
N ARG A 205 8.33 34.05 -5.19
CA ARG A 205 9.47 33.25 -5.61
C ARG A 205 9.08 31.76 -5.38
N LYS A 206 8.13 31.51 -4.43
CA LYS A 206 7.57 30.19 -4.13
C LYS A 206 6.83 29.66 -5.38
N TRP A 207 5.92 30.50 -5.94
CA TRP A 207 5.14 30.20 -7.15
C TRP A 207 6.07 29.89 -8.33
N ARG A 208 7.15 30.68 -8.50
CA ARG A 208 8.14 30.49 -9.56
C ARG A 208 8.96 29.21 -9.34
N LEU A 209 9.37 28.93 -8.07
CA LEU A 209 10.14 27.72 -7.72
C LEU A 209 9.29 26.46 -7.96
N LYS A 210 7.97 26.53 -7.64
CA LYS A 210 7.01 25.44 -7.87
C LYS A 210 6.92 25.12 -9.37
N GLN A 211 6.87 26.18 -10.21
CA GLN A 211 6.84 26.05 -11.68
C GLN A 211 8.20 25.55 -12.19
N SER A 212 9.31 26.15 -11.70
CA SER A 212 10.69 25.79 -12.07
C SER A 212 11.02 24.34 -11.73
N LEU A 213 10.52 23.83 -10.57
CA LEU A 213 10.72 22.45 -10.13
C LEU A 213 9.94 21.50 -11.04
N GLN A 214 8.67 21.82 -11.32
CA GLN A 214 7.77 21.04 -12.19
C GLN A 214 8.37 20.88 -13.61
N ARG A 215 8.77 21.99 -14.25
CA ARG A 215 9.37 22.00 -15.59
C ARG A 215 10.64 21.13 -15.68
N THR A 216 11.48 21.16 -14.63
CA THR A 216 12.72 20.39 -14.55
C THR A 216 12.47 18.91 -14.16
N TRP A 217 11.45 18.63 -13.32
CA TRP A 217 11.15 17.28 -12.84
C TRP A 217 10.20 16.43 -13.69
N LEU A 218 8.94 16.87 -13.92
CA LEU A 218 7.96 16.10 -14.70
C LEU A 218 6.83 16.91 -15.38
N ARG A 219 6.21 16.33 -16.43
CA ARG A 219 5.07 16.90 -17.16
C ARG A 219 4.26 15.82 -17.85
N MET B 1 18.35 -9.21 4.21
CA MET B 1 18.17 -7.79 3.93
C MET B 1 17.93 -7.05 5.26
N TRP B 2 18.51 -5.85 5.39
CA TRP B 2 18.37 -5.02 6.59
C TRP B 2 17.64 -3.75 6.21
N ILE B 3 16.62 -3.38 6.99
CA ILE B 3 15.85 -2.17 6.72
C ILE B 3 15.74 -1.32 7.99
N GLY B 4 16.24 -0.08 7.89
CA GLY B 4 16.17 0.92 8.97
C GLY B 4 14.97 1.80 8.72
N VAL B 5 14.20 2.13 9.76
CA VAL B 5 13.01 2.97 9.59
C VAL B 5 13.04 4.18 10.53
N ILE B 6 12.70 5.37 10.02
CA ILE B 6 12.54 6.57 10.84
C ILE B 6 11.06 6.90 10.84
N SER B 7 10.40 6.85 12.01
CA SER B 7 8.97 7.09 12.11
C SER B 7 8.56 7.57 13.51
N LEU B 8 7.56 8.46 13.55
CA LEU B 8 6.97 8.95 14.81
C LEU B 8 6.04 7.86 15.39
N PHE B 9 5.74 6.80 14.60
CA PHE B 9 4.86 5.71 15.06
C PHE B 9 5.54 4.34 14.79
N PRO B 10 6.70 4.05 15.43
CA PRO B 10 7.43 2.81 15.10
C PRO B 10 6.67 1.52 15.38
N GLU B 11 5.73 1.54 16.33
CA GLU B 11 4.94 0.34 16.64
C GLU B 11 4.03 -0.11 15.49
N MET B 12 3.73 0.79 14.53
CA MET B 12 2.95 0.44 13.33
C MET B 12 3.68 -0.69 12.54
N PHE B 13 5.03 -0.72 12.62
CA PHE B 13 5.86 -1.70 11.89
C PHE B 13 5.77 -3.14 12.37
N LYS B 14 5.13 -3.37 13.51
CA LYS B 14 4.85 -4.72 14.00
C LYS B 14 3.91 -5.42 13.01
N ALA B 15 3.09 -4.64 12.25
CA ALA B 15 2.19 -5.23 11.24
C ALA B 15 3.00 -5.99 10.18
N ILE B 16 4.25 -5.55 9.95
CA ILE B 16 5.20 -6.18 9.02
C ILE B 16 6.03 -7.26 9.71
N THR B 17 6.64 -6.94 10.84
CA THR B 17 7.61 -7.83 11.49
C THR B 17 7.06 -9.01 12.24
N GLU B 18 5.78 -8.96 12.64
CA GLU B 18 5.18 -10.03 13.44
C GLU B 18 4.22 -10.94 12.66
N PHE B 19 3.87 -10.61 11.41
CA PHE B 19 2.85 -11.37 10.69
C PHE B 19 3.19 -11.76 9.26
N GLY B 20 2.62 -12.89 8.84
CA GLY B 20 2.68 -13.41 7.48
C GLY B 20 4.06 -13.70 6.95
N VAL B 21 4.25 -13.49 5.64
CA VAL B 21 5.49 -13.74 4.91
C VAL B 21 6.67 -12.92 5.46
N THR B 22 6.47 -11.59 5.67
CA THR B 22 7.54 -10.73 6.23
C THR B 22 7.85 -11.16 7.67
N GLY B 23 6.81 -11.53 8.42
CA GLY B 23 6.96 -12.00 9.80
C GLY B 23 7.80 -13.26 9.88
N ARG B 24 7.57 -14.22 8.96
CA ARG B 24 8.37 -15.44 8.95
C ARG B 24 9.82 -15.15 8.50
N ALA B 25 9.99 -14.20 7.54
CA ALA B 25 11.32 -13.75 7.08
C ALA B 25 12.12 -13.18 8.26
N VAL B 26 11.44 -12.40 9.14
CA VAL B 26 12.05 -11.82 10.34
C VAL B 26 12.46 -12.95 11.31
N LYS B 27 11.54 -13.89 11.61
CA LYS B 27 11.81 -15.02 12.50
C LYS B 27 12.96 -15.91 12.00
N HIS B 28 13.11 -16.05 10.68
CA HIS B 28 14.18 -16.87 10.07
C HIS B 28 15.45 -16.10 9.73
N ASN B 29 15.61 -14.86 10.29
CA ASN B 29 16.79 -14.00 10.11
C ASN B 29 17.13 -13.67 8.64
N LEU B 30 16.12 -13.67 7.76
CA LEU B 30 16.26 -13.35 6.34
C LEU B 30 16.03 -11.84 6.13
N LEU B 31 15.24 -11.23 7.03
CA LEU B 31 14.89 -9.82 7.00
C LEU B 31 15.04 -9.26 8.40
N LYS B 32 15.60 -8.06 8.53
CA LYS B 32 15.70 -7.39 9.83
C LYS B 32 15.19 -5.97 9.63
N VAL B 33 14.27 -5.54 10.49
CA VAL B 33 13.68 -4.21 10.44
C VAL B 33 13.93 -3.56 11.80
N GLU B 34 14.61 -2.40 11.82
CA GLU B 34 14.89 -1.65 13.05
C GLU B 34 14.30 -0.26 12.91
N CYS B 35 13.61 0.24 13.95
CA CYS B 35 12.92 1.52 13.92
C CYS B 35 13.47 2.53 14.92
N TRP B 36 13.54 3.81 14.54
CA TRP B 36 13.93 4.87 15.45
C TRP B 36 12.90 5.97 15.31
N ASN B 37 12.53 6.57 16.44
CA ASN B 37 11.50 7.59 16.51
C ASN B 37 12.13 8.96 16.78
N PRO B 38 11.92 9.98 15.90
CA PRO B 38 12.45 11.34 16.20
C PRO B 38 12.05 11.89 17.57
N ARG B 39 10.86 11.48 18.09
CA ARG B 39 10.42 11.92 19.41
C ARG B 39 11.41 11.52 20.53
N ASP B 40 12.14 10.42 20.32
CA ASP B 40 13.12 9.94 21.28
C ASP B 40 14.45 10.70 21.20
N PHE B 41 14.56 11.67 20.28
CA PHE B 41 15.76 12.47 20.07
C PHE B 41 15.49 13.93 20.43
N THR B 42 14.35 14.19 21.11
CA THR B 42 13.97 15.55 21.54
C THR B 42 14.58 15.87 22.91
N PHE B 43 14.85 17.14 23.17
CA PHE B 43 15.47 17.58 24.42
C PHE B 43 14.49 18.24 25.40
N ASP B 44 13.32 18.68 24.90
CA ASP B 44 12.33 19.41 25.71
C ASP B 44 11.28 18.54 26.36
N LYS B 45 10.62 19.06 27.43
CA LYS B 45 9.56 18.37 28.17
C LYS B 45 8.41 17.94 27.26
N HIS B 46 8.02 18.76 26.28
CA HIS B 46 6.92 18.47 25.36
C HIS B 46 7.28 17.57 24.18
N LYS B 47 8.57 17.15 24.08
CA LYS B 47 9.05 16.25 23.02
C LYS B 47 8.61 16.78 21.64
N THR B 48 8.92 18.06 21.38
CA THR B 48 8.49 18.78 20.17
C THR B 48 9.18 18.26 18.91
N VAL B 49 8.39 17.77 17.95
CA VAL B 49 8.89 17.20 16.70
C VAL B 49 8.58 18.04 15.48
N ASP B 50 7.87 19.15 15.67
CA ASP B 50 7.53 20.04 14.55
C ASP B 50 8.14 21.43 14.71
N ASP B 51 8.23 22.16 13.61
CA ASP B 51 8.81 23.50 13.60
C ASP B 51 8.18 24.33 12.48
N ARG B 52 8.23 25.65 12.64
CA ARG B 52 7.61 26.61 11.73
C ARG B 52 8.43 26.83 10.45
N PRO B 53 7.76 26.95 9.28
CA PRO B 53 8.51 27.22 8.04
C PRO B 53 9.00 28.66 7.93
N TYR B 54 10.20 28.86 7.35
CA TYR B 54 10.72 30.20 7.11
C TYR B 54 9.84 31.00 6.15
N GLY B 55 9.32 30.36 5.11
CA GLY B 55 8.47 31.06 4.15
C GLY B 55 7.35 31.84 4.81
N GLY B 56 6.52 31.08 5.53
CA GLY B 56 5.36 31.58 6.26
C GLY B 56 4.18 30.71 5.89
N GLY B 57 3.01 31.32 5.83
CA GLY B 57 1.78 30.64 5.45
C GLY B 57 1.37 29.48 6.35
N PRO B 58 0.64 28.49 5.80
CA PRO B 58 0.15 27.39 6.64
C PRO B 58 1.03 26.15 6.65
N GLY B 59 0.84 25.34 7.68
CA GLY B 59 1.54 24.08 7.83
C GLY B 59 2.87 24.18 8.54
N MET B 60 3.22 23.10 9.24
CA MET B 60 4.46 22.98 9.98
C MET B 60 5.32 21.98 9.24
N LEU B 61 6.61 21.91 9.60
CA LEU B 61 7.51 20.92 9.02
C LEU B 61 8.04 20.12 10.17
N MET B 62 8.69 19.01 9.90
CA MET B 62 9.32 18.24 10.96
C MET B 62 10.51 19.07 11.45
N MET B 63 10.72 19.07 12.76
CA MET B 63 11.86 19.81 13.34
C MET B 63 13.13 19.11 12.88
N VAL B 64 14.14 19.89 12.43
CA VAL B 64 15.38 19.35 11.86
C VAL B 64 16.21 18.50 12.83
N GLN B 65 16.57 19.05 14.00
CA GLN B 65 17.43 18.33 14.95
C GLN B 65 16.95 16.93 15.35
N PRO B 66 15.72 16.70 15.87
CA PRO B 66 15.31 15.32 16.24
C PRO B 66 15.29 14.37 15.04
N LEU B 67 14.83 14.86 13.87
CA LEU B 67 14.75 14.03 12.67
C LEU B 67 16.15 13.67 12.15
N ARG B 68 17.04 14.67 12.01
CA ARG B 68 18.42 14.47 11.54
C ARG B 68 19.16 13.50 12.47
N ASP B 69 19.03 13.67 13.80
CA ASP B 69 19.69 12.76 14.76
C ASP B 69 19.18 11.32 14.63
N ALA B 70 17.86 11.12 14.44
CA ALA B 70 17.30 9.77 14.25
C ALA B 70 17.88 9.15 12.99
N ILE B 71 17.92 9.91 11.89
CA ILE B 71 18.47 9.40 10.61
C ILE B 71 19.91 8.97 10.84
N HIS B 72 20.70 9.81 11.54
CA HIS B 72 22.11 9.49 11.86
C HIS B 72 22.26 8.20 12.65
N THR B 73 21.38 7.95 13.64
CA THR B 73 21.44 6.69 14.42
C THR B 73 21.13 5.49 13.50
N ALA B 74 20.14 5.63 12.58
CA ALA B 74 19.83 4.54 11.63
C ALA B 74 21.05 4.31 10.71
N LYS B 75 21.70 5.39 10.23
CA LYS B 75 22.89 5.29 9.37
C LYS B 75 24.07 4.58 10.09
N ALA B 76 24.25 4.86 11.39
CA ALA B 76 25.29 4.21 12.18
C ALA B 76 24.97 2.72 12.39
N ALA B 77 23.68 2.36 12.57
CA ALA B 77 23.32 0.96 12.71
C ALA B 77 23.51 0.21 11.37
N ALA B 78 23.23 0.89 10.25
CA ALA B 78 23.29 0.30 8.90
C ALA B 78 24.69 -0.05 8.44
N GLY B 79 25.62 0.86 8.67
CA GLY B 79 26.98 0.71 8.16
C GLY B 79 27.02 1.15 6.72
N GLU B 80 28.09 0.79 6.03
CA GLU B 80 28.31 1.18 4.65
C GLU B 80 27.34 0.60 3.64
N GLY B 81 26.99 1.42 2.66
CA GLY B 81 26.17 1.04 1.52
C GLY B 81 24.66 1.14 1.64
N ALA B 82 24.14 1.75 2.71
CA ALA B 82 22.68 1.85 2.82
C ALA B 82 22.14 3.00 1.95
N LYS B 83 21.04 2.73 1.20
CA LYS B 83 20.38 3.75 0.39
C LYS B 83 19.28 4.37 1.26
N VAL B 84 19.24 5.71 1.33
CA VAL B 84 18.28 6.42 2.18
C VAL B 84 17.11 6.92 1.34
N ILE B 85 15.92 6.42 1.65
CA ILE B 85 14.69 6.74 0.92
C ILE B 85 13.76 7.60 1.75
N TYR B 86 13.31 8.72 1.18
CA TYR B 86 12.30 9.54 1.82
C TYR B 86 10.93 9.20 1.21
N LEU B 87 9.97 8.76 2.02
CA LEU B 87 8.62 8.44 1.54
C LEU B 87 7.91 9.79 1.42
N SER B 88 7.59 10.22 0.20
CA SER B 88 6.98 11.54 -0.02
C SER B 88 5.81 11.46 -1.00
N PRO B 89 4.73 12.25 -0.84
CA PRO B 89 3.60 12.18 -1.79
C PRO B 89 3.95 12.62 -3.19
N GLN B 90 5.06 13.38 -3.35
CA GLN B 90 5.50 13.83 -4.65
C GLN B 90 6.74 13.12 -5.21
N GLY B 91 7.15 12.01 -4.57
CA GLY B 91 8.30 11.22 -5.03
C GLY B 91 7.96 10.33 -6.20
N ARG B 92 8.94 9.52 -6.71
CA ARG B 92 8.77 8.58 -7.82
C ARG B 92 7.62 7.61 -7.46
N LYS B 93 6.62 7.48 -8.35
CA LYS B 93 5.49 6.60 -8.10
C LYS B 93 5.94 5.14 -8.23
N LEU B 94 5.77 4.37 -7.16
CA LEU B 94 6.15 2.96 -7.14
C LEU B 94 5.35 2.12 -8.15
N ASP B 95 6.05 1.22 -8.84
CA ASP B 95 5.52 0.19 -9.74
C ASP B 95 6.45 -1.02 -9.67
N GLN B 96 6.11 -2.18 -10.30
CA GLN B 96 6.96 -3.38 -10.20
C GLN B 96 8.41 -3.23 -10.66
N GLY B 97 8.63 -2.39 -11.67
CA GLY B 97 9.98 -2.07 -12.15
C GLY B 97 10.77 -1.35 -11.07
N GLY B 98 10.11 -0.43 -10.36
CA GLY B 98 10.69 0.31 -9.24
C GLY B 98 11.03 -0.59 -8.08
N VAL B 99 10.12 -1.53 -7.73
CA VAL B 99 10.32 -2.51 -6.66
C VAL B 99 11.57 -3.36 -6.98
N THR B 100 11.67 -3.86 -8.24
CA THR B 100 12.81 -4.68 -8.68
C THR B 100 14.14 -3.94 -8.49
N GLU B 101 14.17 -2.63 -8.81
CA GLU B 101 15.37 -1.78 -8.64
C GLU B 101 15.69 -1.66 -7.13
N LEU B 102 14.69 -1.27 -6.31
CA LEU B 102 14.87 -1.11 -4.86
C LEU B 102 15.32 -2.39 -4.20
N ALA B 103 14.85 -3.55 -4.70
CA ALA B 103 15.17 -4.86 -4.14
C ALA B 103 16.63 -5.31 -4.36
N GLN B 104 17.40 -4.59 -5.19
CA GLN B 104 18.82 -4.90 -5.41
C GLN B 104 19.68 -4.45 -4.22
N ASN B 105 19.12 -3.61 -3.33
CA ASN B 105 19.82 -3.08 -2.15
C ASN B 105 19.78 -4.05 -1.00
N GLN B 106 20.95 -4.40 -0.45
CA GLN B 106 21.00 -5.25 0.73
C GLN B 106 20.58 -4.46 2.00
N LYS B 107 20.71 -3.13 1.96
CA LYS B 107 20.40 -2.25 3.10
C LYS B 107 19.62 -1.02 2.64
N LEU B 108 18.51 -0.73 3.32
CA LEU B 108 17.72 0.46 3.03
C LEU B 108 17.44 1.18 4.33
N ILE B 109 17.25 2.49 4.25
CA ILE B 109 16.79 3.31 5.35
C ILE B 109 15.58 4.04 4.80
N LEU B 110 14.42 3.85 5.46
CA LEU B 110 13.17 4.47 5.04
C LEU B 110 12.76 5.58 6.01
N VAL B 111 12.67 6.79 5.51
CA VAL B 111 12.34 7.97 6.32
C VAL B 111 10.90 8.33 6.11
N CYS B 112 10.07 8.25 7.16
CA CYS B 112 8.65 8.60 7.09
C CYS B 112 8.51 10.02 7.60
N GLY B 113 7.81 10.84 6.85
CA GLY B 113 7.53 12.22 7.22
C GLY B 113 6.07 12.36 7.61
N ARG B 114 5.79 13.38 8.47
CA ARG B 114 4.48 13.82 8.94
C ARG B 114 4.43 15.35 8.67
N TYR B 115 3.31 16.04 9.01
CA TYR B 115 3.11 17.48 8.76
C TYR B 115 3.24 17.80 7.27
N GLU B 116 3.79 18.98 6.88
CA GLU B 116 3.96 19.33 5.47
C GLU B 116 5.22 18.75 4.85
N GLY B 117 6.02 18.05 5.64
CA GLY B 117 7.23 17.42 5.14
C GLY B 117 8.48 17.79 5.90
N ILE B 118 9.62 17.71 5.20
CA ILE B 118 10.94 17.94 5.78
C ILE B 118 11.69 19.08 5.09
N ASP B 119 12.66 19.67 5.80
CA ASP B 119 13.49 20.76 5.30
C ASP B 119 14.20 20.31 4.00
N GLU B 120 14.16 21.16 2.95
CA GLU B 120 14.79 20.88 1.65
C GLU B 120 16.27 20.51 1.79
N ARG B 121 17.00 21.14 2.74
CA ARG B 121 18.41 20.87 2.94
C ARG B 121 18.66 19.46 3.44
N LEU B 122 17.71 18.88 4.22
CA LEU B 122 17.82 17.49 4.69
C LEU B 122 17.69 16.54 3.54
N ILE B 123 16.89 16.89 2.51
CA ILE B 123 16.77 16.09 1.30
C ILE B 123 18.11 16.09 0.58
N GLN B 124 18.72 17.26 0.43
CA GLN B 124 20.00 17.41 -0.26
C GLN B 124 21.14 16.68 0.46
N THR B 125 21.16 16.71 1.81
CA THR B 125 22.29 16.14 2.58
C THR B 125 22.10 14.72 3.13
N GLU B 126 20.86 14.28 3.39
CA GLU B 126 20.65 12.94 3.97
C GLU B 126 19.89 11.92 3.10
N ILE B 127 19.12 12.40 2.09
CA ILE B 127 18.25 11.56 1.25
C ILE B 127 18.87 11.19 -0.09
N ASP B 128 18.81 9.91 -0.45
CA ASP B 128 19.29 9.44 -1.75
C ASP B 128 18.15 9.53 -2.77
N GLU B 129 16.93 9.06 -2.38
CA GLU B 129 15.78 9.03 -3.32
C GLU B 129 14.47 9.33 -2.63
N GLU B 130 13.49 9.83 -3.41
CA GLU B 130 12.14 10.11 -2.95
C GLU B 130 11.15 9.22 -3.68
N TRP B 131 10.24 8.55 -2.94
CA TRP B 131 9.27 7.63 -3.51
C TRP B 131 7.87 7.79 -2.92
N SER B 132 6.86 7.58 -3.77
CA SER B 132 5.43 7.63 -3.46
C SER B 132 4.87 6.25 -3.81
N ILE B 133 3.73 5.84 -3.20
CA ILE B 133 3.07 4.54 -3.52
C ILE B 133 1.85 4.69 -4.43
N GLY B 134 1.49 5.91 -4.79
CA GLY B 134 0.36 6.19 -5.65
C GLY B 134 -0.17 7.60 -5.56
N ASP B 135 -1.04 7.97 -6.52
CA ASP B 135 -1.64 9.30 -6.63
C ASP B 135 -2.89 9.44 -5.76
N TYR B 136 -2.69 9.32 -4.45
CA TYR B 136 -3.73 9.46 -3.43
C TYR B 136 -3.09 10.03 -2.17
N VAL B 137 -3.89 10.73 -1.37
CA VAL B 137 -3.42 11.40 -0.17
C VAL B 137 -3.60 10.55 1.10
N LEU B 138 -2.50 10.34 1.81
CA LEU B 138 -2.46 9.61 3.08
C LEU B 138 -2.07 10.56 4.21
N THR B 139 -2.17 10.11 5.48
CA THR B 139 -1.84 10.94 6.65
C THR B 139 -0.33 10.97 6.97
N GLY B 140 0.43 10.09 6.33
CA GLY B 140 1.87 9.98 6.56
C GLY B 140 2.54 8.92 5.71
N GLY B 141 3.85 8.80 5.89
CA GLY B 141 4.67 7.89 5.12
C GLY B 141 4.79 6.48 5.64
N GLU B 142 4.19 6.18 6.81
CA GLU B 142 4.28 4.82 7.41
C GLU B 142 3.68 3.69 6.56
N LEU B 143 2.42 3.86 6.08
CA LEU B 143 1.81 2.83 5.22
C LEU B 143 2.58 2.67 3.92
N PRO B 144 3.01 3.77 3.26
CA PRO B 144 3.92 3.63 2.10
C PRO B 144 5.21 2.87 2.39
N ALA B 145 5.89 3.15 3.55
CA ALA B 145 7.14 2.45 3.93
C ALA B 145 6.90 0.96 4.11
N MET B 146 5.81 0.58 4.82
CA MET B 146 5.44 -0.82 5.05
C MET B 146 5.13 -1.53 3.73
N THR B 147 4.44 -0.83 2.82
CA THR B 147 4.10 -1.35 1.49
C THR B 147 5.41 -1.64 0.72
N LEU B 148 6.37 -0.71 0.77
CA LEU B 148 7.69 -0.87 0.14
C LEU B 148 8.43 -2.09 0.74
N ILE B 149 8.42 -2.24 2.08
CA ILE B 149 9.09 -3.38 2.73
C ILE B 149 8.51 -4.71 2.23
N ASP B 150 7.17 -4.84 2.27
CA ASP B 150 6.48 -6.04 1.83
C ASP B 150 6.84 -6.38 0.37
N ALA B 151 6.80 -5.37 -0.53
CA ALA B 151 7.12 -5.56 -1.95
C ALA B 151 8.55 -6.06 -2.17
N VAL B 152 9.56 -5.41 -1.54
CA VAL B 152 10.97 -5.80 -1.69
C VAL B 152 11.32 -7.11 -0.98
N ALA B 153 10.65 -7.42 0.16
CA ALA B 153 10.89 -8.65 0.92
C ALA B 153 10.68 -9.91 0.09
N ARG B 154 9.78 -9.83 -0.90
CA ARG B 154 9.47 -10.92 -1.83
C ARG B 154 10.70 -11.37 -2.66
N PHE B 155 11.68 -10.45 -2.83
CA PHE B 155 12.92 -10.67 -3.58
C PHE B 155 14.04 -11.29 -2.76
N ILE B 156 13.89 -11.41 -1.43
CA ILE B 156 14.93 -11.99 -0.57
C ILE B 156 14.93 -13.52 -0.77
N PRO B 157 16.07 -14.15 -1.11
CA PRO B 157 16.08 -15.62 -1.28
C PRO B 157 15.69 -16.33 0.03
N GLY B 158 14.73 -17.24 -0.07
CA GLY B 158 14.23 -18.02 1.06
C GLY B 158 12.91 -17.54 1.66
N VAL B 159 12.46 -16.35 1.25
CA VAL B 159 11.23 -15.72 1.77
C VAL B 159 9.97 -16.34 1.17
N LEU B 160 9.94 -16.52 -0.16
CA LEU B 160 8.79 -17.13 -0.84
C LEU B 160 8.99 -18.62 -1.04
N ASP B 173 3.53 -12.14 -18.87
CA ASP B 173 3.91 -11.08 -17.95
C ASP B 173 3.34 -9.73 -18.36
N GLY B 174 3.05 -8.90 -17.37
CA GLY B 174 2.46 -7.57 -17.56
C GLY B 174 0.96 -7.59 -17.75
N LEU B 175 0.33 -8.79 -17.59
CA LEU B 175 -1.12 -8.97 -17.75
C LEU B 175 -1.79 -9.23 -16.42
N LEU B 176 -3.10 -8.92 -16.31
CA LEU B 176 -3.84 -9.22 -15.08
C LEU B 176 -4.06 -10.74 -15.01
N ASP B 177 -4.18 -11.29 -13.81
CA ASP B 177 -4.37 -12.73 -13.59
C ASP B 177 -5.73 -13.20 -14.14
N CYS B 178 -5.84 -14.50 -14.45
CA CYS B 178 -7.09 -15.08 -14.97
C CYS B 178 -8.03 -15.37 -13.76
N PRO B 179 -9.34 -15.69 -13.93
CA PRO B 179 -10.14 -16.12 -12.76
C PRO B 179 -9.66 -17.48 -12.23
N HIS B 180 -9.74 -17.69 -10.91
CA HIS B 180 -9.35 -18.93 -10.26
C HIS B 180 -10.53 -19.54 -9.52
N TYR B 181 -10.52 -20.88 -9.41
CA TYR B 181 -11.63 -21.60 -8.74
C TYR B 181 -11.10 -22.68 -7.86
N THR B 182 -11.77 -22.91 -6.72
CA THR B 182 -11.46 -23.98 -5.78
C THR B 182 -12.78 -24.62 -5.35
N ARG B 183 -12.75 -25.58 -4.40
CA ARG B 183 -13.99 -26.23 -3.93
C ARG B 183 -14.94 -25.15 -3.36
N PRO B 184 -16.26 -25.35 -3.44
CA PRO B 184 -16.97 -26.54 -3.94
C PRO B 184 -17.22 -26.53 -5.46
N GLU B 185 -17.68 -27.69 -6.00
CA GLU B 185 -18.02 -27.80 -7.43
C GLU B 185 -19.19 -26.87 -7.75
N VAL B 186 -20.13 -26.69 -6.80
CA VAL B 186 -21.29 -25.83 -7.00
C VAL B 186 -21.41 -24.82 -5.83
N LEU B 187 -21.19 -23.54 -6.08
CA LEU B 187 -21.25 -22.51 -5.04
C LEU B 187 -22.41 -21.60 -5.35
N GLU B 188 -23.48 -21.64 -4.51
CA GLU B 188 -24.72 -20.89 -4.73
C GLU B 188 -25.27 -21.17 -6.13
N GLY B 189 -25.19 -22.43 -6.55
CA GLY B 189 -25.68 -22.83 -7.87
C GLY B 189 -24.76 -22.52 -9.03
N LEU B 190 -23.60 -21.88 -8.79
CA LEU B 190 -22.63 -21.49 -9.84
C LEU B 190 -21.54 -22.56 -9.98
N THR B 191 -21.30 -23.01 -11.20
CA THR B 191 -20.35 -24.09 -11.47
C THR B 191 -19.00 -23.56 -11.97
N VAL B 192 -17.99 -24.41 -11.88
CA VAL B 192 -16.62 -24.13 -12.33
C VAL B 192 -16.59 -24.33 -13.86
N PRO B 193 -15.94 -23.44 -14.65
CA PRO B 193 -15.82 -23.69 -16.09
C PRO B 193 -15.33 -25.12 -16.38
N PRO B 194 -16.06 -25.90 -17.22
CA PRO B 194 -15.68 -27.31 -17.45
C PRO B 194 -14.24 -27.57 -17.89
N VAL B 195 -13.62 -26.66 -18.66
CA VAL B 195 -12.23 -26.83 -19.11
C VAL B 195 -11.26 -27.08 -17.92
N LEU B 196 -11.55 -26.46 -16.75
CA LEU B 196 -10.68 -26.61 -15.57
C LEU B 196 -10.72 -27.97 -14.93
N MET B 197 -11.78 -28.75 -15.23
CA MET B 197 -11.96 -30.12 -14.75
C MET B 197 -11.58 -31.14 -15.86
N SER B 198 -11.14 -30.68 -17.02
CA SER B 198 -10.89 -31.57 -18.16
C SER B 198 -9.61 -32.43 -18.09
N GLY B 199 -8.62 -31.99 -17.33
CA GLY B 199 -7.32 -32.66 -17.30
C GLY B 199 -6.51 -32.40 -18.58
N HIS B 200 -6.98 -31.46 -19.44
CA HIS B 200 -6.28 -31.11 -20.71
C HIS B 200 -5.43 -29.89 -20.43
N HIS B 201 -4.14 -30.08 -20.12
CA HIS B 201 -3.28 -28.95 -19.72
C HIS B 201 -3.19 -27.79 -20.69
N GLU B 202 -2.97 -28.08 -21.99
CA GLU B 202 -2.86 -26.99 -22.98
C GLU B 202 -4.19 -26.23 -23.15
N GLU B 203 -5.32 -26.92 -23.13
CA GLU B 203 -6.62 -26.23 -23.21
C GLU B 203 -6.80 -25.30 -22.01
N ILE B 204 -6.39 -25.76 -20.82
CA ILE B 204 -6.49 -24.95 -19.59
C ILE B 204 -5.56 -23.74 -19.70
N ARG B 205 -4.30 -23.96 -20.13
CA ARG B 205 -3.35 -22.85 -20.25
C ARG B 205 -3.90 -21.81 -21.23
N LYS B 206 -4.41 -22.25 -22.40
CA LYS B 206 -4.96 -21.34 -23.43
C LYS B 206 -6.22 -20.61 -22.98
N TRP B 207 -7.10 -21.29 -22.20
CA TRP B 207 -8.30 -20.65 -21.64
C TRP B 207 -7.90 -19.56 -20.62
N ARG B 208 -6.96 -19.87 -19.69
CA ARG B 208 -6.49 -18.90 -18.71
C ARG B 208 -5.79 -17.71 -19.39
N LEU B 209 -4.98 -17.99 -20.40
CA LEU B 209 -4.27 -16.92 -21.13
C LEU B 209 -5.27 -15.97 -21.83
N LYS B 210 -6.29 -16.54 -22.49
CA LYS B 210 -7.35 -15.78 -23.16
C LYS B 210 -8.11 -14.91 -22.14
N GLN B 211 -8.45 -15.48 -20.95
CA GLN B 211 -9.15 -14.76 -19.89
C GLN B 211 -8.28 -13.62 -19.37
N SER B 212 -6.98 -13.88 -19.17
CA SER B 212 -6.02 -12.88 -18.70
C SER B 212 -5.94 -11.69 -19.69
N LEU B 213 -5.87 -12.00 -21.00
CA LEU B 213 -5.82 -10.98 -22.07
C LEU B 213 -7.12 -10.15 -22.10
N GLN B 214 -8.29 -10.82 -22.07
CA GLN B 214 -9.62 -10.18 -22.03
C GLN B 214 -9.78 -9.27 -20.79
N ARG B 215 -9.42 -9.77 -19.57
CA ARG B 215 -9.53 -8.97 -18.33
C ARG B 215 -8.59 -7.75 -18.39
N THR B 216 -7.36 -7.90 -18.93
CA THR B 216 -6.39 -6.79 -19.05
C THR B 216 -7.00 -5.72 -19.99
N TRP B 217 -7.51 -6.16 -21.16
CA TRP B 217 -8.13 -5.30 -22.16
C TRP B 217 -9.34 -4.51 -21.63
N LEU B 218 -10.26 -5.17 -20.91
CA LEU B 218 -11.46 -4.52 -20.38
C LEU B 218 -11.22 -3.61 -19.16
N ARG B 219 -10.33 -4.02 -18.24
CA ARG B 219 -10.11 -3.30 -16.98
C ARG B 219 -8.95 -2.33 -16.99
N ARG B 220 -7.83 -2.73 -17.61
CA ARG B 220 -6.60 -1.94 -17.63
C ARG B 220 -5.98 -1.90 -19.05
N PRO B 221 -6.70 -1.40 -20.09
CA PRO B 221 -6.14 -1.39 -21.46
C PRO B 221 -4.78 -0.72 -21.66
N GLU B 222 -4.41 0.26 -20.80
CA GLU B 222 -3.10 0.96 -20.87
C GLU B 222 -1.94 -0.04 -20.73
N LEU B 223 -2.13 -1.10 -19.92
CA LEU B 223 -1.14 -2.15 -19.70
C LEU B 223 -0.77 -2.89 -21.01
N LEU B 224 -1.65 -2.85 -22.03
CA LEU B 224 -1.43 -3.47 -23.34
C LEU B 224 -0.67 -2.55 -24.31
N GLU B 225 -0.73 -1.22 -24.10
CA GLU B 225 -0.09 -0.22 -24.98
C GLU B 225 1.41 -0.45 -25.13
N GLY B 226 2.12 -0.55 -24.01
CA GLY B 226 3.55 -0.81 -23.97
C GLY B 226 3.82 -2.27 -23.67
N LEU B 227 3.31 -3.18 -24.53
CA LEU B 227 3.43 -4.62 -24.39
C LEU B 227 3.56 -5.37 -25.72
N ALA B 228 4.68 -6.08 -25.89
CA ALA B 228 4.91 -6.92 -27.06
C ALA B 228 4.25 -8.26 -26.76
N LEU B 229 3.34 -8.71 -27.65
CA LEU B 229 2.61 -9.96 -27.46
C LEU B 229 3.08 -11.02 -28.43
N THR B 230 3.00 -12.29 -28.01
CA THR B 230 3.34 -13.43 -28.87
C THR B 230 2.19 -13.58 -29.89
N ASP B 231 2.42 -14.35 -30.96
CA ASP B 231 1.43 -14.65 -31.99
C ASP B 231 0.19 -15.30 -31.38
N GLU B 232 0.40 -16.23 -30.42
CA GLU B 232 -0.68 -16.90 -29.69
C GLU B 232 -1.48 -15.87 -28.88
N GLN B 233 -0.81 -14.97 -28.14
CA GLN B 233 -1.45 -13.92 -27.32
C GLN B 233 -2.23 -12.96 -28.19
N ARG B 234 -1.65 -12.56 -29.34
CA ARG B 234 -2.32 -11.69 -30.32
C ARG B 234 -3.58 -12.38 -30.85
N LYS B 235 -3.47 -13.66 -31.21
CA LYS B 235 -4.59 -14.47 -31.71
C LYS B 235 -5.68 -14.66 -30.64
N LEU B 236 -5.28 -14.99 -29.39
CA LEU B 236 -6.25 -15.18 -28.29
C LEU B 236 -6.94 -13.86 -27.91
N LEU B 237 -6.21 -12.72 -27.89
CA LEU B 237 -6.77 -11.39 -27.59
C LEU B 237 -7.83 -10.99 -28.62
N LYS B 238 -7.55 -11.21 -29.93
CA LYS B 238 -8.50 -10.89 -31.02
C LYS B 238 -9.78 -11.70 -30.86
N GLU B 239 -9.65 -12.98 -30.46
CA GLU B 239 -10.75 -13.94 -30.26
C GLU B 239 -11.71 -13.49 -29.16
N ALA B 240 -11.16 -13.03 -28.01
CA ALA B 240 -11.93 -12.54 -26.86
C ALA B 240 -12.67 -11.25 -27.21
N GLN B 241 -12.02 -10.37 -28.01
CA GLN B 241 -12.55 -9.08 -28.47
C GLN B 241 -13.73 -9.30 -29.42
N ALA B 242 -13.60 -10.28 -30.34
CA ALA B 242 -14.63 -10.66 -31.32
C ALA B 242 -15.86 -11.25 -30.62
N GLU B 243 -15.65 -12.07 -29.57
CA GLU B 243 -16.70 -12.71 -28.77
C GLU B 243 -17.40 -11.68 -27.87
N HIS B 244 -16.71 -10.57 -27.54
CA HIS B 244 -17.25 -9.51 -26.70
C HIS B 244 -18.34 -8.69 -27.43
N ASN B 245 -18.48 -8.88 -28.76
CA ASN B 245 -19.47 -8.23 -29.62
C ASN B 245 -20.52 -9.23 -30.08
C1 21X C . -2.49 -12.63 -5.95
C5 21X C . -0.51 -11.43 -6.54
C2 21X C . -2.51 -11.97 -4.74
C4 21X C . -0.52 -10.79 -5.31
C14 21X C . -4.53 -6.61 -3.06
C17 21X C . -2.49 -6.09 -3.99
C13 21X C . -3.30 -7.10 -3.37
C6 21X C . -1.47 -12.36 -6.86
C3 21X C . -1.52 -11.06 -4.41
C16 21X C . -3.16 -4.88 -4.09
C21 21X C . -1.51 -3.80 -5.10
C18 21X C . -1.13 -6.15 -4.51
C11 21X C . -3.05 -8.48 -3.03
C7 21X C . -1.48 -13.06 -8.18
C9 21X C . -1.57 -10.36 -3.10
N22 21X C . -2.71 -3.72 -4.63
N20 21X C . -0.72 -4.95 -5.06
N8 21X C . -0.22 -13.70 -8.52
N10 21X C . -1.83 -8.96 -3.31
O19 21X C . -0.42 -7.14 -4.47
O12 21X C . -3.94 -9.14 -2.50
S15 21X C . -4.76 -4.98 -3.48
C1 21X D . -0.01 15.39 1.34
C5 21X D . 1.92 16.30 2.42
C2 21X D . 0.12 14.24 2.08
C4 21X D . 2.04 15.14 3.15
C14 21X D . 4.35 9.59 1.71
C17 21X D . 2.28 9.65 0.71
C13 21X D . 3.09 10.16 1.78
C6 21X D . 0.89 16.44 1.51
C3 21X D . 1.15 14.09 2.98
C16 21X D . 2.95 8.71 -0.08
C21 21X D . 1.25 8.29 -1.46
C18 21X D . 0.90 9.92 0.34
C11 21X D . 2.85 11.14 2.83
C7 21X D . 0.78 17.68 0.70
C9 21X D . 1.33 12.83 3.78
N22 21X D . 2.48 8.02 -1.15
N20 21X D . 0.46 9.20 -0.76
N8 21X D . -0.12 18.67 1.27
N10 21X D . 1.63 11.69 2.93
O19 21X D . 0.19 10.73 0.94
O12 21X D . 3.78 11.42 3.58
S15 21X D . 4.57 8.47 0.45
#